data_5K5R
#
_entry.id   5K5R
#
_cell.length_a   150.240
_cell.length_b   55.880
_cell.length_c   101.620
_cell.angle_alpha   90.000
_cell.angle_beta   110.500
_cell.angle_gamma   90.000
#
_symmetry.space_group_name_H-M   'C 1 2 1'
#
loop_
_entity.id
_entity.type
_entity.pdbx_description
1 polymer AspA
2 polymer 'DNA (32-MER)'
3 polymer 'DNA (32-MER)'
4 non-polymer 'PHOSPHATE ION'
#
loop_
_entity_poly.entity_id
_entity_poly.type
_entity_poly.pdbx_seq_one_letter_code
_entity_poly.pdbx_strand_id
1 'polypeptide(L)'
;GKISTDKYIFLTPRAYIIVHLLKVGKAKASEISENTQIPYQTVIQNIRWLLAEGYVVKEQKGEEIYYKLTDKGKQLATAE
LEKIRKLVEVVQHHHHHH
;
C,D,A,B,E,F
2 'polydeoxyribonucleotide'
;(DT)(DG)(DT)(DT)(DT)(DG)(DC)(DT)(DC)(DT)(DA)(DT)(DG)(DT)(DT)(DA)(DA)(DT)(DC)(DG)
(DC)(DA)(DG)(DA)(DG)(DC)(DA)(DT)(DA)(DA)(DT)(DA)
;
P
3 'polydeoxyribonucleotide'
;(DT)(DA)(DT)(DT)(DA)(DT)(DG)(DC)(DT)(DC)(DT)(DA)(DT)(DG)(DA)(DT)(DT)(DA)(DA)(DC)
(DA)(DT)(DA)(DG)(DA)(DG)(DC)(DA)(DA)(DA)(DC)(DA)
;
N
#
loop_
_chem_comp.id
_chem_comp.type
_chem_comp.name
_chem_comp.formula
DA DNA linking 2'-DEOXYADENOSINE-5'-MONOPHOSPHATE 'C10 H14 N5 O6 P'
DC DNA linking 2'-DEOXYCYTIDINE-5'-MONOPHOSPHATE 'C9 H14 N3 O7 P'
DG DNA linking 2'-DEOXYGUANOSINE-5'-MONOPHOSPHATE 'C10 H14 N5 O7 P'
DT DNA linking THYMIDINE-5'-MONOPHOSPHATE 'C10 H15 N2 O8 P'
PO4 non-polymer 'PHOSPHATE ION' 'O4 P -3'
#
# COMPACT_ATOMS: atom_id res chain seq x y z
N GLY A 1 -15.01 2.25 -24.65
CA GLY A 1 -16.06 1.29 -24.37
C GLY A 1 -17.40 1.96 -24.12
N LYS A 2 -18.28 1.26 -23.39
CA LYS A 2 -19.61 1.80 -23.10
C LYS A 2 -19.72 2.29 -21.65
N ILE A 3 -20.94 2.35 -21.16
CA ILE A 3 -21.18 2.90 -19.83
C ILE A 3 -21.86 1.91 -18.90
N SER A 4 -21.52 2.00 -17.62
CA SER A 4 -22.16 1.19 -16.58
C SER A 4 -21.76 1.67 -15.18
N THR A 5 -22.62 2.53 -14.62
CA THR A 5 -22.44 3.12 -13.29
C THR A 5 -23.77 3.57 -12.69
N ASP A 6 -23.88 3.47 -11.38
CA ASP A 6 -25.00 4.01 -10.64
C ASP A 6 -24.49 5.13 -9.76
N LYS A 7 -23.17 5.15 -9.59
CA LYS A 7 -22.51 6.14 -8.75
C LYS A 7 -22.36 7.52 -9.40
N TYR A 8 -22.00 7.57 -10.69
CA TYR A 8 -21.68 8.85 -11.32
C TYR A 8 -22.42 9.12 -12.63
N ILE A 9 -23.74 9.01 -12.61
CA ILE A 9 -24.53 9.30 -13.81
C ILE A 9 -24.55 10.79 -14.11
N PHE A 10 -24.67 11.60 -13.07
CA PHE A 10 -24.71 13.06 -13.22
C PHE A 10 -23.43 13.71 -12.70
N LEU A 11 -23.13 13.48 -11.42
CA LEU A 11 -22.00 14.12 -10.76
C LEU A 11 -20.74 13.26 -10.84
N THR A 12 -19.60 13.91 -11.04
CA THR A 12 -18.31 13.23 -11.00
C THR A 12 -17.92 13.02 -9.55
N PRO A 13 -17.01 12.07 -9.28
CA PRO A 13 -16.53 11.90 -7.91
C PRO A 13 -15.71 13.11 -7.51
N ARG A 14 -15.35 13.91 -8.49
CA ARG A 14 -14.58 15.12 -8.28
C ARG A 14 -15.41 16.21 -7.62
N ALA A 15 -16.66 16.36 -8.07
CA ALA A 15 -17.56 17.36 -7.51
C ALA A 15 -17.75 17.18 -6.00
N TYR A 16 -17.85 15.92 -5.58
CA TYR A 16 -18.00 15.60 -4.17
C TYR A 16 -16.76 16.03 -3.38
N ILE A 17 -15.62 16.06 -4.07
CA ILE A 17 -14.35 16.43 -3.45
C ILE A 17 -14.19 17.94 -3.34
N ILE A 18 -14.40 18.64 -4.45
CA ILE A 18 -14.28 20.09 -4.47
C ILE A 18 -15.28 20.73 -3.50
N VAL A 19 -16.48 20.17 -3.48
CA VAL A 19 -17.53 20.66 -2.59
C VAL A 19 -17.14 20.46 -1.12
N HIS A 20 -16.57 19.30 -0.81
CA HIS A 20 -16.16 19.00 0.56
C HIS A 20 -14.96 19.85 0.98
N LEU A 21 -14.29 20.44 -0.01
CA LEU A 21 -13.19 21.35 0.27
C LEU A 21 -13.70 22.79 0.40
N LEU A 22 -14.99 22.97 0.15
CA LEU A 22 -15.66 24.24 0.42
C LEU A 22 -16.26 24.19 1.82
N LYS A 23 -16.99 23.12 2.10
CA LYS A 23 -17.63 22.94 3.40
C LYS A 23 -16.58 22.93 4.51
N VAL A 24 -15.44 22.32 4.23
CA VAL A 24 -14.39 22.15 5.23
C VAL A 24 -13.20 23.08 4.96
N GLY A 25 -13.14 23.64 3.77
CA GLY A 25 -12.08 24.56 3.40
C GLY A 25 -10.77 23.84 3.12
N LYS A 26 -10.25 23.15 4.12
CA LYS A 26 -9.05 22.34 3.96
C LYS A 26 -9.26 20.97 4.61
N ALA A 27 -8.83 19.92 3.91
CA ALA A 27 -8.99 18.57 4.42
C ALA A 27 -7.74 17.73 4.17
N LYS A 28 -7.79 16.47 4.62
CA LYS A 28 -6.66 15.57 4.46
C LYS A 28 -7.08 14.39 3.60
N ALA A 29 -6.16 13.90 2.76
CA ALA A 29 -6.45 12.82 1.83
C ALA A 29 -7.45 11.82 2.42
N SER A 30 -7.04 11.16 3.50
CA SER A 30 -7.90 10.19 4.16
C SER A 30 -9.26 10.79 4.52
N GLU A 31 -9.24 11.91 5.21
CA GLU A 31 -10.46 12.57 5.67
C GLU A 31 -11.49 12.77 4.55
N ILE A 32 -11.04 13.33 3.43
CA ILE A 32 -11.93 13.53 2.28
C ILE A 32 -12.64 12.22 1.95
N SER A 33 -11.87 11.14 1.91
CA SER A 33 -12.42 9.82 1.59
C SER A 33 -13.60 9.44 2.47
N GLU A 34 -13.44 9.61 3.78
CA GLU A 34 -14.43 9.15 4.74
C GLU A 34 -15.76 9.90 4.65
N ASN A 35 -15.72 11.21 4.84
CA ASN A 35 -16.93 12.03 4.75
C ASN A 35 -17.33 12.35 3.31
N THR A 36 -17.05 11.41 2.41
CA THR A 36 -17.46 11.53 1.02
C THR A 36 -17.68 10.13 0.46
N GLN A 37 -17.12 9.14 1.16
CA GLN A 37 -17.25 7.74 0.79
C GLN A 37 -16.72 7.41 -0.61
N ILE A 38 -16.06 8.38 -1.25
CA ILE A 38 -15.36 8.14 -2.50
C ILE A 38 -14.07 7.38 -2.20
N PRO A 39 -13.82 6.28 -2.94
CA PRO A 39 -12.63 5.46 -2.68
C PRO A 39 -11.36 6.28 -2.62
N TYR A 40 -10.52 5.98 -1.62
CA TYR A 40 -9.28 6.72 -1.38
C TYR A 40 -8.45 6.89 -2.64
N GLN A 41 -8.23 5.79 -3.34
CA GLN A 41 -7.46 5.80 -4.58
C GLN A 41 -7.96 6.87 -5.54
N THR A 42 -9.27 7.01 -5.61
CA THR A 42 -9.90 7.98 -6.50
C THR A 42 -9.65 9.41 -6.03
N VAL A 43 -9.73 9.63 -4.72
CA VAL A 43 -9.49 10.95 -4.15
C VAL A 43 -8.11 11.48 -4.49
N ILE A 44 -7.08 10.68 -4.22
CA ILE A 44 -5.70 11.10 -4.43
C ILE A 44 -5.43 11.44 -5.89
N GLN A 45 -5.90 10.60 -6.80
CA GLN A 45 -5.70 10.84 -8.23
C GLN A 45 -6.40 12.12 -8.69
N ASN A 46 -7.48 12.49 -8.00
CA ASN A 46 -8.21 13.70 -8.33
C ASN A 46 -7.61 14.97 -7.73
N ILE A 47 -7.31 14.94 -6.44
CA ILE A 47 -6.64 16.06 -5.79
C ILE A 47 -5.32 16.37 -6.51
N ARG A 48 -4.76 15.35 -7.16
CA ARG A 48 -3.54 15.52 -7.94
C ARG A 48 -3.78 16.30 -9.22
N TRP A 49 -4.93 16.11 -9.82
CA TRP A 49 -5.32 16.92 -10.98
C TRP A 49 -5.60 18.35 -10.53
N LEU A 50 -6.14 18.48 -9.32
CA LEU A 50 -6.44 19.79 -8.76
C LEU A 50 -5.16 20.54 -8.43
N LEU A 51 -4.17 19.84 -7.89
CA LEU A 51 -2.90 20.45 -7.56
C LEU A 51 -2.23 21.01 -8.81
N ALA A 52 -2.14 20.18 -9.84
CA ALA A 52 -1.54 20.57 -11.11
C ALA A 52 -2.18 21.83 -11.69
N GLU A 53 -3.51 21.85 -11.70
CA GLU A 53 -4.24 22.96 -12.30
C GLU A 53 -4.37 24.17 -11.39
N GLY A 54 -3.94 24.02 -10.14
CA GLY A 54 -3.87 25.13 -9.21
C GLY A 54 -5.12 25.41 -8.41
N TYR A 55 -6.10 24.52 -8.49
CA TYR A 55 -7.35 24.70 -7.74
C TYR A 55 -7.17 24.33 -6.28
N VAL A 56 -6.02 23.73 -5.97
CA VAL A 56 -5.72 23.31 -4.61
C VAL A 56 -4.21 23.33 -4.35
N VAL A 57 -3.85 23.57 -3.10
CA VAL A 57 -2.45 23.50 -2.67
C VAL A 57 -2.39 22.72 -1.36
N LYS A 58 -1.24 22.13 -1.08
CA LYS A 58 -1.08 21.30 0.12
C LYS A 58 -0.33 22.00 1.25
N GLU A 59 -0.73 21.69 2.47
CA GLU A 59 -0.05 22.18 3.67
C GLU A 59 0.44 21.00 4.48
N GLN A 60 1.71 20.66 4.33
CA GLN A 60 2.30 19.54 5.05
C GLN A 60 2.42 19.86 6.54
N LYS A 61 1.37 19.53 7.28
CA LYS A 61 1.35 19.79 8.71
C LYS A 61 1.89 18.59 9.49
N GLY A 62 3.22 18.44 9.48
CA GLY A 62 3.87 17.35 10.17
C GLY A 62 3.95 16.09 9.34
N GLU A 63 3.49 14.97 9.91
CA GLU A 63 3.50 13.69 9.21
C GLU A 63 2.25 13.58 8.34
N GLU A 64 1.58 14.70 8.13
CA GLU A 64 0.32 14.71 7.40
C GLU A 64 0.29 15.82 6.34
N ILE A 65 -0.54 15.63 5.32
CA ILE A 65 -0.70 16.62 4.27
C ILE A 65 -2.15 17.10 4.22
N TYR A 66 -2.34 18.40 4.00
CA TYR A 66 -3.68 18.97 3.95
C TYR A 66 -3.95 19.68 2.64
N TYR A 67 -5.09 19.36 2.02
CA TYR A 67 -5.44 19.93 0.72
C TYR A 67 -6.59 20.93 0.86
N LYS A 68 -6.37 22.14 0.34
CA LYS A 68 -7.36 23.21 0.45
C LYS A 68 -7.51 23.97 -0.87
N LEU A 69 -8.72 24.42 -1.16
CA LEU A 69 -8.98 25.20 -2.36
C LEU A 69 -8.12 26.45 -2.43
N THR A 70 -8.16 27.13 -3.56
CA THR A 70 -7.40 28.37 -3.74
C THR A 70 -8.32 29.47 -4.26
N ASP A 71 -7.75 30.64 -4.52
CA ASP A 71 -8.49 31.70 -5.18
C ASP A 71 -9.12 31.13 -6.44
N LYS A 72 -8.28 30.66 -7.34
CA LYS A 72 -8.71 29.98 -8.56
C LYS A 72 -9.65 28.82 -8.24
N GLY A 73 -9.35 28.12 -7.15
CA GLY A 73 -10.14 26.99 -6.71
C GLY A 73 -11.53 27.40 -6.25
N LYS A 74 -11.58 28.21 -5.20
CA LYS A 74 -12.83 28.75 -4.70
C LYS A 74 -13.62 29.39 -5.84
N GLN A 75 -12.90 29.99 -6.78
CA GLN A 75 -13.53 30.57 -7.96
C GLN A 75 -14.33 29.54 -8.73
N LEU A 76 -13.63 28.58 -9.33
CA LEU A 76 -14.27 27.51 -10.07
C LEU A 76 -15.34 26.82 -9.24
N ALA A 77 -15.01 26.54 -7.98
CA ALA A 77 -15.91 25.85 -7.07
C ALA A 77 -17.19 26.67 -6.84
N THR A 78 -17.13 27.96 -7.16
CA THR A 78 -18.27 28.85 -6.98
C THR A 78 -18.96 29.18 -8.30
N ALA A 79 -18.26 29.91 -9.17
CA ALA A 79 -18.83 30.38 -10.43
C ALA A 79 -19.35 29.21 -11.28
N GLU A 80 -18.49 28.22 -11.52
CA GLU A 80 -18.87 27.08 -12.34
C GLU A 80 -19.99 26.31 -11.64
N LEU A 81 -20.02 26.40 -10.31
CA LEU A 81 -21.06 25.74 -9.54
C LEU A 81 -22.41 26.39 -9.82
N GLU A 82 -22.41 27.71 -9.97
CA GLU A 82 -23.63 28.43 -10.30
C GLU A 82 -24.26 27.84 -11.55
N LYS A 83 -23.45 27.63 -12.59
CA LYS A 83 -23.92 27.02 -13.82
C LYS A 83 -24.73 25.76 -13.53
N ILE A 84 -24.31 25.04 -12.51
CA ILE A 84 -25.04 23.84 -12.07
C ILE A 84 -26.49 24.20 -11.74
N ARG A 85 -26.68 25.09 -10.79
CA ARG A 85 -28.03 25.44 -10.34
C ARG A 85 -28.78 26.32 -11.35
N LYS A 86 -28.04 27.11 -12.12
CA LYS A 86 -28.66 27.97 -13.13
C LYS A 86 -29.37 27.14 -14.20
N LEU A 87 -29.06 25.84 -14.22
CA LEU A 87 -29.75 24.92 -15.13
C LEU A 87 -30.53 23.87 -14.35
N VAL A 88 -30.33 23.83 -13.03
CA VAL A 88 -31.11 22.96 -12.18
C VAL A 88 -32.44 23.63 -11.82
N GLU A 89 -32.44 24.96 -11.86
CA GLU A 89 -33.65 25.73 -11.62
C GLU A 89 -34.70 25.37 -12.67
N VAL A 90 -34.26 25.25 -13.91
CA VAL A 90 -35.16 24.94 -15.02
C VAL A 90 -35.60 23.49 -15.03
N VAL A 91 -36.44 23.13 -14.06
CA VAL A 91 -37.03 21.80 -13.98
C VAL A 91 -37.87 21.67 -12.71
N GLY B 1 -14.23 3.96 -14.80
CA GLY B 1 -14.50 4.57 -16.09
C GLY B 1 -13.98 5.98 -16.19
N LYS B 2 -13.98 6.51 -17.42
CA LYS B 2 -13.51 7.87 -17.67
C LYS B 2 -14.58 8.87 -17.29
N ILE B 3 -14.86 8.98 -15.99
CA ILE B 3 -15.96 9.82 -15.51
C ILE B 3 -15.65 11.31 -15.55
N SER B 4 -14.68 11.76 -14.75
CA SER B 4 -14.33 13.17 -14.70
C SER B 4 -13.01 13.45 -15.43
N THR B 5 -13.05 14.42 -16.34
CA THR B 5 -11.88 14.78 -17.16
C THR B 5 -11.53 16.25 -16.99
N ASP B 6 -11.27 16.91 -18.11
CA ASP B 6 -11.07 18.36 -18.12
C ASP B 6 -12.37 19.03 -18.54
N LYS B 7 -12.94 18.55 -19.64
CA LYS B 7 -14.19 19.06 -20.16
C LYS B 7 -15.29 18.90 -19.11
N TYR B 8 -15.14 17.90 -18.25
CA TYR B 8 -16.17 17.57 -17.28
C TYR B 8 -15.65 17.60 -15.84
N ILE B 9 -15.60 18.81 -15.28
CA ILE B 9 -15.14 19.01 -13.91
C ILE B 9 -16.23 18.57 -12.95
N PHE B 10 -17.45 19.04 -13.19
CA PHE B 10 -18.55 18.83 -12.26
C PHE B 10 -19.59 17.83 -12.76
N LEU B 11 -20.00 17.97 -14.02
CA LEU B 11 -21.09 17.19 -14.56
C LEU B 11 -20.68 16.33 -15.75
N THR B 12 -21.32 15.16 -15.87
CA THR B 12 -21.05 14.24 -16.97
C THR B 12 -21.91 14.62 -18.17
N PRO B 13 -21.49 14.20 -19.37
CA PRO B 13 -22.30 14.47 -20.57
C PRO B 13 -23.70 13.92 -20.42
N ARG B 14 -23.85 12.91 -19.56
CA ARG B 14 -25.16 12.37 -19.24
C ARG B 14 -26.06 13.46 -18.70
N ALA B 15 -25.49 14.32 -17.86
CA ALA B 15 -26.24 15.42 -17.25
C ALA B 15 -26.77 16.40 -18.29
N TYR B 16 -25.85 17.04 -19.01
CA TYR B 16 -26.21 18.03 -20.02
C TYR B 16 -27.16 17.45 -21.07
N ILE B 17 -27.03 16.15 -21.32
CA ILE B 17 -27.85 15.49 -22.33
C ILE B 17 -29.28 15.24 -21.85
N ILE B 18 -29.41 14.61 -20.68
CA ILE B 18 -30.72 14.36 -20.09
C ILE B 18 -31.48 15.67 -19.89
N VAL B 19 -30.83 16.63 -19.25
CA VAL B 19 -31.43 17.94 -19.01
C VAL B 19 -31.96 18.53 -20.31
N HIS B 20 -31.12 18.59 -21.33
CA HIS B 20 -31.49 19.15 -22.62
C HIS B 20 -32.71 18.44 -23.19
N LEU B 21 -32.92 17.20 -22.77
CA LEU B 21 -34.08 16.43 -23.20
C LEU B 21 -35.34 16.84 -22.43
N LEU B 22 -35.16 17.29 -21.20
CA LEU B 22 -36.25 17.86 -20.43
C LEU B 22 -36.61 19.21 -21.03
N LYS B 23 -35.59 19.91 -21.52
CA LYS B 23 -35.76 21.23 -22.10
C LYS B 23 -36.49 21.18 -23.44
N VAL B 24 -35.99 20.36 -24.35
CA VAL B 24 -36.48 20.35 -25.73
C VAL B 24 -37.60 19.34 -25.96
N GLY B 25 -37.70 18.35 -25.07
CA GLY B 25 -38.72 17.32 -25.21
C GLY B 25 -38.18 16.10 -25.91
N LYS B 26 -37.91 16.25 -27.21
CA LYS B 26 -37.30 15.16 -27.98
C LYS B 26 -36.35 15.67 -29.06
N ALA B 27 -35.07 15.82 -28.67
CA ALA B 27 -34.02 16.22 -29.61
C ALA B 27 -33.46 14.98 -30.31
N LYS B 28 -32.85 15.19 -31.48
CA LYS B 28 -32.23 14.10 -32.22
C LYS B 28 -30.81 13.82 -31.70
N ALA B 29 -30.00 13.14 -32.50
CA ALA B 29 -28.61 12.84 -32.13
C ALA B 29 -27.76 14.10 -32.15
N SER B 30 -27.50 14.64 -33.34
CA SER B 30 -26.69 15.83 -33.49
C SER B 30 -27.25 17.02 -32.71
N GLU B 31 -28.56 17.10 -32.61
CA GLU B 31 -29.22 18.21 -31.92
C GLU B 31 -28.68 18.38 -30.51
N ILE B 32 -28.66 17.29 -29.75
CA ILE B 32 -28.16 17.31 -28.38
C ILE B 32 -26.71 17.80 -28.38
N SER B 33 -25.95 17.41 -29.39
CA SER B 33 -24.56 17.84 -29.54
C SER B 33 -24.45 19.35 -29.65
N GLU B 34 -24.92 19.89 -30.77
CA GLU B 34 -24.82 21.32 -31.04
C GLU B 34 -25.24 22.19 -29.85
N ASN B 35 -26.26 21.74 -29.12
CA ASN B 35 -26.73 22.47 -27.94
C ASN B 35 -25.80 22.32 -26.75
N THR B 36 -25.56 21.08 -26.34
CA THR B 36 -24.77 20.79 -25.14
C THR B 36 -23.27 21.03 -25.33
N GLN B 37 -22.87 21.35 -26.56
CA GLN B 37 -21.46 21.56 -26.89
C GLN B 37 -20.62 20.28 -26.77
N ILE B 38 -21.27 19.19 -26.38
CA ILE B 38 -20.58 17.92 -26.20
C ILE B 38 -20.33 17.24 -27.54
N PRO B 39 -19.08 16.80 -27.78
CA PRO B 39 -18.74 16.12 -29.03
C PRO B 39 -19.74 15.02 -29.37
N TYR B 40 -20.17 14.98 -30.62
CA TYR B 40 -21.19 14.04 -31.08
C TYR B 40 -20.97 12.62 -30.57
N GLN B 41 -19.80 12.06 -30.87
CA GLN B 41 -19.49 10.68 -30.51
C GLN B 41 -19.77 10.37 -29.05
N THR B 42 -19.34 11.25 -28.15
CA THR B 42 -19.63 11.07 -26.74
C THR B 42 -21.13 10.94 -26.53
N VAL B 43 -21.87 11.89 -27.07
CA VAL B 43 -23.33 11.92 -26.94
C VAL B 43 -23.97 10.60 -27.37
N ILE B 44 -23.60 10.13 -28.55
CA ILE B 44 -24.27 8.99 -29.17
C ILE B 44 -24.16 7.69 -28.35
N GLN B 45 -23.05 7.51 -27.64
CA GLN B 45 -22.87 6.28 -26.86
C GLN B 45 -23.47 6.41 -25.46
N ASN B 46 -23.70 7.64 -25.03
CA ASN B 46 -24.43 7.89 -23.80
C ASN B 46 -25.92 7.69 -24.03
N ILE B 47 -26.37 7.97 -25.26
CA ILE B 47 -27.74 7.70 -25.67
C ILE B 47 -27.89 6.20 -25.93
N ARG B 48 -26.83 5.59 -26.44
CA ARG B 48 -26.79 4.15 -26.64
C ARG B 48 -26.99 3.45 -25.30
N TRP B 49 -26.55 4.09 -24.23
CA TRP B 49 -26.68 3.54 -22.88
C TRP B 49 -28.02 3.91 -22.25
N LEU B 50 -28.53 5.08 -22.61
CA LEU B 50 -29.85 5.50 -22.13
C LEU B 50 -30.93 4.59 -22.68
N LEU B 51 -30.76 4.20 -23.95
CA LEU B 51 -31.65 3.22 -24.55
C LEU B 51 -31.54 1.91 -23.79
N ALA B 52 -30.30 1.47 -23.59
CA ALA B 52 -30.03 0.20 -22.91
C ALA B 52 -30.69 0.14 -21.52
N GLU B 53 -30.68 1.26 -20.82
CA GLU B 53 -31.19 1.29 -19.44
C GLU B 53 -32.67 1.66 -19.35
N GLY B 54 -33.21 2.24 -20.42
CA GLY B 54 -34.62 2.56 -20.48
C GLY B 54 -34.97 3.96 -20.04
N TYR B 55 -34.00 4.86 -20.08
CA TYR B 55 -34.23 6.26 -19.73
C TYR B 55 -34.57 7.08 -20.96
N VAL B 56 -34.19 6.57 -22.12
CA VAL B 56 -34.48 7.20 -23.41
C VAL B 56 -35.09 6.16 -24.34
N VAL B 57 -35.84 6.63 -25.34
CA VAL B 57 -36.48 5.72 -26.29
C VAL B 57 -36.39 6.19 -27.74
N LYS B 58 -36.10 5.25 -28.62
CA LYS B 58 -36.05 5.53 -30.06
C LYS B 58 -37.41 5.98 -30.56
N GLU B 59 -37.41 6.99 -31.42
CA GLU B 59 -38.66 7.53 -31.96
C GLU B 59 -38.53 7.85 -33.45
N GLN B 60 -39.51 7.37 -34.23
CA GLN B 60 -39.46 7.54 -35.68
C GLN B 60 -40.43 8.60 -36.18
N LYS B 61 -40.25 9.84 -35.75
CA LYS B 61 -41.01 10.96 -36.29
C LYS B 61 -40.31 11.49 -37.54
N GLY B 62 -40.43 10.75 -38.63
CA GLY B 62 -39.79 11.13 -39.89
C GLY B 62 -38.70 10.17 -40.28
N GLU B 63 -37.99 10.48 -41.37
CA GLU B 63 -36.88 9.66 -41.83
C GLU B 63 -35.82 9.58 -40.74
N GLU B 64 -35.68 10.66 -39.98
CA GLU B 64 -34.63 10.78 -38.99
C GLU B 64 -35.01 10.14 -37.66
N ILE B 65 -34.07 10.12 -36.73
CA ILE B 65 -34.26 9.48 -35.43
C ILE B 65 -34.23 10.50 -34.30
N TYR B 66 -35.38 10.68 -33.63
CA TYR B 66 -35.46 11.58 -32.50
C TYR B 66 -35.40 10.81 -31.18
N TYR B 67 -35.01 11.52 -30.11
CA TYR B 67 -34.87 10.90 -28.80
C TYR B 67 -35.64 11.66 -27.73
N LYS B 68 -36.46 10.94 -26.97
CA LYS B 68 -37.20 11.53 -25.87
C LYS B 68 -36.94 10.76 -24.58
N LEU B 69 -37.23 11.38 -23.45
CA LEU B 69 -37.07 10.73 -22.16
C LEU B 69 -38.28 9.90 -21.79
N THR B 70 -38.04 8.69 -21.30
CA THR B 70 -39.10 7.89 -20.73
C THR B 70 -39.37 8.42 -19.34
N ASP B 71 -40.51 8.06 -18.76
CA ASP B 71 -40.84 8.46 -17.41
C ASP B 71 -39.80 7.91 -16.44
N LYS B 72 -39.24 6.76 -16.81
CA LYS B 72 -38.17 6.14 -16.04
C LYS B 72 -36.93 7.03 -16.04
N GLY B 73 -36.61 7.58 -17.21
CA GLY B 73 -35.51 8.51 -17.32
C GLY B 73 -35.79 9.79 -16.55
N LYS B 74 -37.02 10.29 -16.68
CA LYS B 74 -37.46 11.47 -15.95
C LYS B 74 -37.33 11.28 -14.45
N GLN B 75 -37.73 10.11 -13.96
CA GLN B 75 -37.63 9.81 -12.53
C GLN B 75 -36.16 9.87 -12.09
N LEU B 76 -35.28 9.40 -12.97
CA LEU B 76 -33.84 9.50 -12.74
C LEU B 76 -33.41 10.97 -12.78
N ALA B 77 -33.84 11.67 -13.83
CA ALA B 77 -33.50 13.08 -14.00
C ALA B 77 -33.84 13.88 -12.75
N THR B 78 -35.11 13.88 -12.36
CA THR B 78 -35.55 14.62 -11.19
C THR B 78 -34.87 14.12 -9.93
N ALA B 79 -34.87 12.80 -9.74
CA ALA B 79 -34.31 12.21 -8.52
C ALA B 79 -32.88 12.65 -8.24
N GLU B 80 -32.00 12.48 -9.23
CA GLU B 80 -30.60 12.88 -9.05
C GLU B 80 -30.38 14.36 -9.24
N LEU B 81 -31.39 15.05 -9.75
CA LEU B 81 -31.33 16.51 -9.86
C LEU B 81 -31.37 17.14 -8.48
N GLU B 82 -31.71 16.33 -7.47
CA GLU B 82 -31.79 16.83 -6.10
C GLU B 82 -30.48 16.61 -5.35
N LYS B 83 -29.81 15.49 -5.64
CA LYS B 83 -28.49 15.24 -5.06
C LYS B 83 -27.53 16.33 -5.53
N ILE B 84 -27.95 17.07 -6.54
CA ILE B 84 -27.17 18.17 -7.07
C ILE B 84 -27.37 19.43 -6.24
N ARG B 85 -28.62 19.79 -5.98
CA ARG B 85 -28.92 20.92 -5.13
C ARG B 85 -28.60 20.59 -3.68
N LYS B 86 -28.93 19.37 -3.27
CA LYS B 86 -28.71 18.92 -1.89
C LYS B 86 -27.25 19.04 -1.49
N LEU B 87 -26.38 18.29 -2.16
CA LEU B 87 -24.95 18.33 -1.87
C LEU B 87 -24.41 19.76 -2.00
N VAL B 88 -24.93 20.48 -2.98
CA VAL B 88 -24.45 21.83 -3.28
C VAL B 88 -24.84 22.83 -2.20
N GLU B 89 -25.85 22.50 -1.42
CA GLU B 89 -26.39 23.40 -0.40
C GLU B 89 -25.30 24.01 0.47
N VAL B 90 -24.16 23.34 0.58
CA VAL B 90 -23.07 23.81 1.43
C VAL B 90 -22.00 24.55 0.63
N SER C 4 3.56 11.85 -2.01
CA SER C 4 4.60 12.84 -2.24
C SER C 4 5.94 12.32 -1.75
N THR C 5 6.40 11.23 -2.35
CA THR C 5 7.64 10.59 -1.93
C THR C 5 8.86 11.32 -2.47
N ASP C 6 8.97 12.61 -2.16
CA ASP C 6 10.09 13.43 -2.61
C ASP C 6 11.43 12.92 -2.09
N LYS C 7 11.38 11.87 -1.25
CA LYS C 7 12.58 11.30 -0.67
C LYS C 7 13.20 10.27 -1.60
N TYR C 8 12.36 9.52 -2.29
CA TYR C 8 12.80 8.48 -3.21
C TYR C 8 12.24 8.74 -4.61
N ILE C 9 12.87 9.66 -5.33
CA ILE C 9 12.40 10.07 -6.66
C ILE C 9 12.98 9.21 -7.77
N PHE C 10 14.30 9.18 -7.88
CA PHE C 10 14.98 8.39 -8.90
C PHE C 10 15.46 7.05 -8.34
N LEU C 11 16.11 7.08 -7.18
CA LEU C 11 16.64 5.88 -6.55
C LEU C 11 15.73 5.38 -5.44
N THR C 12 15.92 4.10 -5.10
CA THR C 12 15.14 3.46 -4.04
C THR C 12 15.99 3.32 -2.79
N PRO C 13 15.34 3.12 -1.63
CA PRO C 13 16.12 2.83 -0.42
C PRO C 13 17.01 1.60 -0.62
N ARG C 14 16.54 0.64 -1.41
CA ARG C 14 17.33 -0.53 -1.74
C ARG C 14 18.62 -0.14 -2.45
N ALA C 15 18.53 0.87 -3.30
CA ALA C 15 19.68 1.31 -4.08
C ALA C 15 20.85 1.68 -3.18
N TYR C 16 20.59 2.51 -2.17
CA TYR C 16 21.63 2.95 -1.26
C TYR C 16 22.10 1.84 -0.33
N ILE C 17 21.16 1.11 0.26
CA ILE C 17 21.48 0.00 1.16
C ILE C 17 22.52 -0.93 0.55
N ILE C 18 22.25 -1.39 -0.67
CA ILE C 18 23.18 -2.28 -1.39
C ILE C 18 24.50 -1.57 -1.66
N VAL C 19 24.42 -0.42 -2.32
CA VAL C 19 25.60 0.36 -2.68
C VAL C 19 26.50 0.59 -1.47
N HIS C 20 25.88 0.71 -0.29
CA HIS C 20 26.65 0.90 0.94
C HIS C 20 27.34 -0.38 1.36
N LEU C 21 26.66 -1.51 1.17
CA LEU C 21 27.23 -2.81 1.52
C LEU C 21 28.27 -3.27 0.50
N LEU C 22 28.45 -2.48 -0.56
CA LEU C 22 29.55 -2.70 -1.49
C LEU C 22 30.76 -1.92 -1.00
N LYS C 23 30.51 -0.65 -0.67
CA LYS C 23 31.54 0.25 -0.15
C LYS C 23 32.15 -0.26 1.15
N VAL C 24 31.38 -1.02 1.92
CA VAL C 24 31.80 -1.44 3.25
C VAL C 24 31.95 -2.96 3.40
N GLY C 25 31.01 -3.70 2.81
CA GLY C 25 31.05 -5.16 2.88
C GLY C 25 30.36 -5.69 4.12
N LYS C 26 30.60 -5.07 5.26
CA LYS C 26 30.00 -5.49 6.51
C LYS C 26 29.49 -4.28 7.30
N ALA C 27 28.23 -4.34 7.73
CA ALA C 27 27.63 -3.23 8.45
C ALA C 27 26.49 -3.68 9.35
N LYS C 28 26.30 -2.97 10.46
CA LYS C 28 25.17 -3.23 11.34
C LYS C 28 23.95 -2.49 10.80
N ALA C 29 22.76 -3.02 11.09
CA ALA C 29 21.53 -2.41 10.61
C ALA C 29 21.49 -0.92 10.97
N SER C 30 21.74 -0.63 12.24
CA SER C 30 21.78 0.74 12.73
C SER C 30 22.84 1.57 12.01
N GLU C 31 23.87 0.90 11.49
CA GLU C 31 24.93 1.58 10.75
C GLU C 31 24.46 2.03 9.38
N ILE C 32 24.07 1.06 8.55
CA ILE C 32 23.57 1.37 7.21
C ILE C 32 22.52 2.46 7.27
N SER C 33 21.62 2.34 8.24
CA SER C 33 20.54 3.31 8.42
C SER C 33 21.09 4.71 8.64
N GLU C 34 21.92 4.87 9.66
CA GLU C 34 22.53 6.16 9.97
C GLU C 34 23.37 6.69 8.81
N ASN C 35 24.10 5.80 8.16
CA ASN C 35 25.10 6.20 7.18
C ASN C 35 24.54 6.47 5.78
N THR C 36 23.21 6.49 5.65
CA THR C 36 22.57 6.78 4.37
C THR C 36 21.32 7.64 4.55
N GLN C 37 21.05 8.06 5.77
CA GLN C 37 19.90 8.90 6.07
C GLN C 37 18.58 8.20 5.77
N ILE C 38 18.58 6.87 5.85
CA ILE C 38 17.38 6.09 5.63
C ILE C 38 16.83 5.58 6.96
N PRO C 39 15.56 5.92 7.26
CA PRO C 39 14.91 5.47 8.49
C PRO C 39 15.18 3.98 8.74
N TYR C 40 15.54 3.64 9.97
CA TYR C 40 15.90 2.27 10.32
C TYR C 40 14.82 1.26 9.96
N GLN C 41 13.57 1.57 10.29
CA GLN C 41 12.47 0.66 10.03
C GLN C 41 12.34 0.31 8.56
N THR C 42 12.85 1.19 7.70
CA THR C 42 12.88 0.94 6.26
C THR C 42 14.05 0.03 5.91
N VAL C 43 15.16 0.20 6.63
CA VAL C 43 16.37 -0.56 6.38
C VAL C 43 16.20 -2.04 6.69
N ILE C 44 15.62 -2.36 7.84
CA ILE C 44 15.36 -3.74 8.20
C ILE C 44 14.38 -4.39 7.24
N GLN C 45 13.17 -3.84 7.14
CA GLN C 45 12.15 -4.37 6.26
C GLN C 45 12.70 -4.65 4.87
N ASN C 46 13.69 -3.86 4.46
CA ASN C 46 14.40 -4.09 3.22
C ASN C 46 15.41 -5.23 3.33
N ILE C 47 16.19 -5.22 4.41
CA ILE C 47 17.12 -6.31 4.70
C ILE C 47 16.36 -7.62 4.87
N ARG C 48 15.13 -7.51 5.37
CA ARG C 48 14.26 -8.66 5.53
C ARG C 48 13.95 -9.26 4.16
N TRP C 49 13.82 -8.40 3.16
CA TRP C 49 13.60 -8.86 1.79
C TRP C 49 14.92 -9.30 1.16
N LEU C 50 15.98 -8.56 1.43
CA LEU C 50 17.31 -8.87 0.90
C LEU C 50 17.79 -10.24 1.37
N LEU C 51 17.44 -10.61 2.59
CA LEU C 51 17.80 -11.92 3.13
C LEU C 51 16.96 -13.03 2.52
N ALA C 52 15.67 -12.76 2.35
CA ALA C 52 14.73 -13.74 1.81
C ALA C 52 15.07 -14.11 0.37
N GLU C 53 15.37 -13.09 -0.45
CA GLU C 53 15.76 -13.32 -1.83
C GLU C 53 17.21 -13.75 -1.92
N GLY C 54 17.85 -13.92 -0.76
CA GLY C 54 19.22 -14.38 -0.70
C GLY C 54 20.21 -13.49 -1.42
N TYR C 55 20.11 -12.19 -1.19
CA TYR C 55 21.07 -11.24 -1.75
C TYR C 55 22.07 -10.81 -0.69
N VAL C 56 21.66 -10.89 0.58
CA VAL C 56 22.55 -10.63 1.70
C VAL C 56 22.42 -11.76 2.71
N VAL C 57 23.33 -11.79 3.68
CA VAL C 57 23.32 -12.84 4.70
C VAL C 57 23.67 -12.32 6.09
N LYS C 58 23.03 -12.90 7.10
CA LYS C 58 23.23 -12.49 8.49
C LYS C 58 24.52 -13.06 9.05
N GLU C 59 25.01 -12.45 10.14
CA GLU C 59 26.22 -12.93 10.80
C GLU C 59 26.22 -12.46 12.24
N GLN C 60 25.95 -13.39 13.16
CA GLN C 60 25.78 -13.03 14.57
C GLN C 60 26.92 -13.52 15.44
N LYS C 61 28.02 -12.76 15.43
CA LYS C 61 29.19 -13.07 16.25
C LYS C 61 28.99 -12.52 17.66
N GLY C 62 28.09 -13.15 18.41
CA GLY C 62 27.72 -12.67 19.73
C GLY C 62 26.41 -11.89 19.64
N GLU C 63 26.40 -10.69 20.21
CA GLU C 63 25.26 -9.80 20.07
C GLU C 63 25.60 -8.65 19.11
N GLU C 64 26.44 -8.95 18.14
CA GLU C 64 26.80 -8.02 17.09
C GLU C 64 26.37 -8.61 15.75
N ILE C 65 25.27 -8.10 15.20
CA ILE C 65 24.73 -8.63 13.96
C ILE C 65 25.20 -7.81 12.76
N TYR C 66 25.74 -8.49 11.76
CA TYR C 66 26.25 -7.81 10.56
C TYR C 66 25.63 -8.36 9.28
N TYR C 67 25.51 -7.50 8.28
CA TYR C 67 24.95 -7.91 7.00
C TYR C 67 25.94 -7.70 5.86
N LYS C 68 26.05 -8.71 5.00
CA LYS C 68 26.93 -8.64 3.85
C LYS C 68 26.23 -9.25 2.65
N LEU C 69 26.69 -8.90 1.45
CA LEU C 69 26.11 -9.47 0.23
C LEU C 69 26.66 -10.86 -0.04
N THR C 70 25.80 -11.73 -0.54
CA THR C 70 26.25 -13.01 -1.05
C THR C 70 26.91 -12.75 -2.39
N ASP C 71 27.48 -13.79 -2.99
CA ASP C 71 28.01 -13.66 -4.34
C ASP C 71 26.89 -13.22 -5.26
N LYS C 72 25.73 -13.83 -5.07
CA LYS C 72 24.54 -13.49 -5.84
C LYS C 72 24.18 -12.01 -5.64
N GLY C 73 24.57 -11.46 -4.50
CA GLY C 73 24.32 -10.07 -4.20
C GLY C 73 25.17 -9.14 -5.06
N LYS C 74 26.48 -9.17 -4.86
CA LYS C 74 27.41 -8.36 -5.64
C LYS C 74 27.11 -8.48 -7.12
N GLN C 75 26.67 -9.66 -7.53
CA GLN C 75 26.25 -9.90 -8.91
C GLN C 75 25.15 -8.92 -9.29
N LEU C 76 24.05 -8.97 -8.55
CA LEU C 76 22.93 -8.06 -8.75
C LEU C 76 23.38 -6.61 -8.60
N ALA C 77 24.24 -6.37 -7.62
CA ALA C 77 24.72 -5.03 -7.32
C ALA C 77 25.38 -4.40 -8.53
N THR C 78 26.41 -5.06 -9.06
CA THR C 78 27.14 -4.56 -10.21
C THR C 78 26.36 -4.72 -11.50
N ALA C 79 25.23 -5.42 -11.42
CA ALA C 79 24.36 -5.60 -12.58
C ALA C 79 23.35 -4.45 -12.67
N GLU C 80 22.60 -4.25 -11.59
CA GLU C 80 21.65 -3.14 -11.50
C GLU C 80 22.38 -1.81 -11.72
N LEU C 81 23.62 -1.76 -11.26
CA LEU C 81 24.43 -0.54 -11.40
C LEU C 81 24.83 -0.35 -12.85
N GLU C 82 24.45 -1.31 -13.69
CA GLU C 82 24.70 -1.23 -15.12
C GLU C 82 23.49 -0.68 -15.86
N LYS C 83 22.30 -1.15 -15.47
CA LYS C 83 21.07 -0.57 -15.98
C LYS C 83 21.12 0.92 -15.70
N ILE C 84 21.76 1.26 -14.59
CA ILE C 84 22.00 2.66 -14.23
C ILE C 84 23.07 3.28 -15.13
N ARG C 85 24.29 2.75 -15.07
CA ARG C 85 25.38 3.26 -15.91
C ARG C 85 24.88 3.46 -17.33
N LYS C 86 24.09 2.52 -17.82
CA LYS C 86 23.50 2.62 -19.14
C LYS C 86 22.62 3.84 -19.26
N LEU C 87 21.69 4.00 -18.31
CA LEU C 87 20.67 5.03 -18.39
C LEU C 87 21.24 6.45 -18.33
N VAL C 88 22.25 6.66 -17.49
CA VAL C 88 22.80 7.99 -17.29
C VAL C 88 23.41 8.60 -18.56
N GLU C 89 24.38 7.89 -19.15
CA GLU C 89 25.12 8.44 -20.28
C GLU C 89 24.24 8.66 -21.50
N VAL C 90 23.22 7.83 -21.66
CA VAL C 90 22.31 7.95 -22.79
C VAL C 90 21.61 9.31 -22.75
N VAL C 91 21.64 9.96 -21.59
CA VAL C 91 21.17 11.33 -21.48
C VAL C 91 22.31 12.25 -21.91
N GLN C 92 22.61 12.22 -23.22
CA GLN C 92 23.74 12.92 -23.83
C GLN C 92 24.71 11.92 -24.46
N GLY D 1 5.10 4.81 0.46
CA GLY D 1 4.43 3.95 -0.50
C GLY D 1 5.30 2.77 -0.88
N LYS D 2 5.05 2.20 -2.06
CA LYS D 2 5.89 1.12 -2.54
C LYS D 2 6.85 1.60 -3.64
N ILE D 3 8.05 1.98 -3.22
CA ILE D 3 9.06 2.45 -4.16
C ILE D 3 9.92 1.30 -4.68
N SER D 4 10.35 0.43 -3.77
CA SER D 4 11.19 -0.70 -4.14
C SER D 4 10.35 -1.93 -4.46
N THR D 5 10.48 -2.43 -5.68
CA THR D 5 9.73 -3.60 -6.11
C THR D 5 10.65 -4.57 -6.85
N ASP D 6 10.22 -5.83 -6.98
CA ASP D 6 11.02 -6.84 -7.68
C ASP D 6 11.52 -6.34 -9.02
N LYS D 7 10.73 -5.45 -9.64
CA LYS D 7 11.09 -4.88 -10.93
C LYS D 7 11.84 -3.57 -10.77
N TYR D 8 11.68 -2.94 -9.61
CA TYR D 8 12.36 -1.67 -9.34
C TYR D 8 13.26 -1.76 -8.12
N ILE D 9 14.36 -2.46 -8.27
CA ILE D 9 15.31 -2.66 -7.17
C ILE D 9 16.20 -1.43 -6.96
N PHE D 10 16.65 -0.84 -8.05
CA PHE D 10 17.47 0.38 -7.99
C PHE D 10 16.68 1.59 -8.46
N LEU D 11 16.43 1.66 -9.77
CA LEU D 11 15.70 2.77 -10.35
C LEU D 11 14.19 2.61 -10.21
N THR D 12 13.49 3.72 -10.03
CA THR D 12 12.04 3.72 -9.94
C THR D 12 11.46 3.99 -11.33
N PRO D 13 10.16 3.73 -11.52
CA PRO D 13 9.54 4.00 -12.82
C PRO D 13 9.69 5.45 -13.27
N ARG D 14 9.79 6.37 -12.31
CA ARG D 14 9.97 7.78 -12.61
C ARG D 14 11.32 7.98 -13.31
N ALA D 15 12.36 7.42 -12.70
CA ALA D 15 13.72 7.51 -13.22
C ALA D 15 13.77 7.21 -14.71
N TYR D 16 12.93 6.29 -15.16
CA TYR D 16 12.88 5.92 -16.57
C TYR D 16 12.04 6.91 -17.37
N ILE D 17 10.88 7.27 -16.85
CA ILE D 17 9.98 8.20 -17.55
C ILE D 17 10.64 9.55 -17.79
N ILE D 18 11.07 10.19 -16.72
CA ILE D 18 11.71 11.49 -16.81
C ILE D 18 12.84 11.49 -17.85
N VAL D 19 13.62 10.42 -17.84
CA VAL D 19 14.77 10.31 -18.76
C VAL D 19 14.32 10.08 -20.20
N HIS D 20 13.13 9.54 -20.39
CA HIS D 20 12.57 9.38 -21.72
C HIS D 20 12.10 10.73 -22.25
N LEU D 21 11.50 11.52 -21.38
CA LEU D 21 11.07 12.87 -21.73
C LEU D 21 12.29 13.73 -22.01
N LEU D 22 13.35 13.52 -21.22
CA LEU D 22 14.63 14.18 -21.46
C LEU D 22 15.10 13.93 -22.89
N LYS D 23 15.26 12.64 -23.21
CA LYS D 23 15.79 12.23 -24.51
C LYS D 23 14.89 12.59 -25.69
N VAL D 24 13.57 12.63 -25.46
CA VAL D 24 12.62 12.77 -26.57
C VAL D 24 11.95 14.13 -26.69
N GLY D 25 11.77 14.84 -25.58
CA GLY D 25 11.15 16.16 -25.62
C GLY D 25 9.68 16.13 -25.26
N LYS D 26 8.84 15.71 -26.20
CA LYS D 26 7.42 15.49 -25.93
C LYS D 26 7.06 14.05 -26.29
N ALA D 27 6.18 13.45 -25.50
CA ALA D 27 5.85 12.04 -25.68
C ALA D 27 4.44 11.70 -25.19
N LYS D 28 3.79 10.79 -25.89
CA LYS D 28 2.50 10.26 -25.45
C LYS D 28 2.70 9.28 -24.30
N ALA D 29 1.73 9.22 -23.40
CA ALA D 29 1.82 8.30 -22.26
C ALA D 29 2.17 6.91 -22.74
N SER D 30 1.47 6.46 -23.78
CA SER D 30 1.76 5.18 -24.41
C SER D 30 3.24 5.09 -24.79
N GLU D 31 3.68 6.02 -25.64
CA GLU D 31 5.07 6.05 -26.09
C GLU D 31 6.05 5.82 -24.95
N ILE D 32 5.87 6.56 -23.86
CA ILE D 32 6.73 6.44 -22.70
C ILE D 32 6.70 5.02 -22.13
N SER D 33 5.49 4.45 -22.07
CA SER D 33 5.31 3.07 -21.64
C SER D 33 6.06 2.14 -22.57
N GLU D 34 5.86 2.32 -23.88
CA GLU D 34 6.42 1.44 -24.90
C GLU D 34 7.94 1.49 -25.01
N ASN D 35 8.56 2.49 -24.39
CA ASN D 35 10.00 2.67 -24.49
C ASN D 35 10.74 2.34 -23.21
N THR D 36 10.01 2.30 -22.10
CA THR D 36 10.60 2.03 -20.80
C THR D 36 10.18 0.66 -20.32
N GLN D 37 9.32 0.01 -21.11
CA GLN D 37 8.72 -1.27 -20.74
C GLN D 37 8.14 -1.20 -19.34
N ILE D 38 7.67 0.00 -18.98
CA ILE D 38 6.92 0.21 -17.75
C ILE D 38 5.44 0.13 -18.09
N PRO D 39 4.69 -0.68 -17.35
CA PRO D 39 3.25 -0.80 -17.63
C PRO D 39 2.58 0.58 -17.71
N TYR D 40 1.63 0.72 -18.62
CA TYR D 40 0.98 2.01 -18.85
C TYR D 40 0.36 2.57 -17.57
N GLN D 41 -0.37 1.72 -16.85
CA GLN D 41 -1.07 2.15 -15.64
C GLN D 41 -0.11 2.78 -14.64
N THR D 42 1.12 2.28 -14.60
CA THR D 42 2.16 2.86 -13.76
C THR D 42 2.59 4.23 -14.31
N VAL D 43 2.45 4.42 -15.62
CA VAL D 43 2.95 5.62 -16.29
C VAL D 43 2.13 6.88 -16.04
N ILE D 44 0.84 6.85 -16.34
CA ILE D 44 -0.03 7.99 -16.03
C ILE D 44 -0.05 8.25 -14.52
N GLN D 45 -0.10 7.18 -13.74
CA GLN D 45 -0.07 7.27 -12.28
C GLN D 45 1.05 8.18 -11.81
N ASN D 46 2.17 8.16 -12.52
CA ASN D 46 3.31 9.00 -12.17
C ASN D 46 3.36 10.31 -12.96
N ILE D 47 2.85 10.28 -14.19
CA ILE D 47 2.65 11.51 -14.95
C ILE D 47 1.75 12.44 -14.16
N ARG D 48 0.64 11.89 -13.69
CA ARG D 48 -0.35 12.62 -12.93
C ARG D 48 0.26 13.28 -11.69
N TRP D 49 1.29 12.65 -11.16
CA TRP D 49 2.01 13.18 -10.00
C TRP D 49 2.99 14.25 -10.44
N LEU D 50 3.67 14.00 -11.57
CA LEU D 50 4.62 14.95 -12.13
C LEU D 50 3.90 16.23 -12.57
N LEU D 51 2.62 16.11 -12.87
CA LEU D 51 1.79 17.26 -13.19
C LEU D 51 1.47 18.03 -11.91
N ALA D 52 1.03 17.32 -10.89
CA ALA D 52 0.71 17.92 -9.61
C ALA D 52 1.90 18.69 -9.03
N GLU D 53 3.08 18.09 -9.13
CA GLU D 53 4.29 18.68 -8.58
C GLU D 53 4.94 19.68 -9.53
N GLY D 54 4.31 19.88 -10.68
CA GLY D 54 4.77 20.87 -11.64
C GLY D 54 6.09 20.57 -12.32
N TYR D 55 6.47 19.30 -12.38
CA TYR D 55 7.67 18.91 -13.10
C TYR D 55 7.35 18.63 -14.56
N VAL D 56 6.07 18.41 -14.84
CA VAL D 56 5.63 18.02 -16.18
C VAL D 56 4.36 18.77 -16.58
N VAL D 57 4.18 18.98 -17.88
CA VAL D 57 3.00 19.68 -18.39
C VAL D 57 2.33 18.93 -19.55
N LYS D 58 1.01 19.03 -19.60
CA LYS D 58 0.24 18.39 -20.66
C LYS D 58 0.11 19.30 -21.88
N GLU D 59 0.45 18.75 -23.05
CA GLU D 59 0.20 19.43 -24.32
C GLU D 59 -0.71 18.57 -25.18
N GLN D 60 -1.94 19.01 -25.40
CA GLN D 60 -2.86 18.23 -26.22
C GLN D 60 -3.64 19.07 -27.24
N LYS D 61 -3.55 18.66 -28.49
CA LYS D 61 -4.26 19.32 -29.58
C LYS D 61 -5.45 18.46 -30.01
N GLY D 62 -6.51 18.49 -29.22
CA GLY D 62 -7.69 17.69 -29.53
C GLY D 62 -7.52 16.22 -29.20
N GLU D 63 -7.04 15.45 -30.16
CA GLU D 63 -6.82 14.01 -29.95
C GLU D 63 -5.46 13.74 -29.34
N GLU D 64 -4.40 14.17 -30.02
CA GLU D 64 -3.04 13.91 -29.60
C GLU D 64 -2.72 14.60 -28.28
N ILE D 65 -2.26 13.82 -27.31
CA ILE D 65 -1.85 14.36 -26.01
C ILE D 65 -0.39 14.07 -25.74
N TYR D 66 0.37 15.12 -25.43
CA TYR D 66 1.79 14.95 -25.13
C TYR D 66 2.14 15.40 -23.72
N TYR D 67 3.34 15.05 -23.28
CA TYR D 67 3.83 15.42 -21.97
C TYR D 67 5.29 15.82 -22.08
N LYS D 68 5.61 17.03 -21.63
CA LYS D 68 7.00 17.48 -21.62
C LYS D 68 7.42 17.86 -20.22
N LEU D 69 8.72 18.00 -20.01
CA LEU D 69 9.25 18.43 -18.73
C LEU D 69 9.13 19.95 -18.63
N THR D 70 8.80 20.44 -17.44
CA THR D 70 8.84 21.86 -17.19
C THR D 70 10.28 22.26 -16.93
N ASP D 71 10.48 23.41 -16.30
CA ASP D 71 11.84 23.87 -16.01
C ASP D 71 12.37 23.32 -14.68
N LYS D 72 11.49 23.17 -13.70
CA LYS D 72 11.85 22.41 -12.51
C LYS D 72 11.92 20.94 -12.91
N GLY D 73 11.24 20.60 -14.00
CA GLY D 73 11.30 19.26 -14.54
C GLY D 73 12.71 18.88 -14.95
N LYS D 74 13.30 19.67 -15.83
CA LYS D 74 14.67 19.44 -16.27
C LYS D 74 15.65 19.69 -15.13
N GLN D 75 15.20 20.42 -14.11
CA GLN D 75 16.03 20.70 -12.95
C GLN D 75 16.13 19.47 -12.06
N LEU D 76 14.98 18.95 -11.66
CA LEU D 76 14.89 17.72 -10.88
C LEU D 76 15.75 16.65 -11.52
N ALA D 77 15.58 16.49 -12.84
CA ALA D 77 16.30 15.48 -13.60
C ALA D 77 17.81 15.54 -13.41
N THR D 78 18.41 16.68 -13.77
CA THR D 78 19.86 16.83 -13.70
C THR D 78 20.37 16.74 -12.26
N ALA D 79 19.51 17.07 -11.30
CA ALA D 79 19.87 17.00 -9.90
C ALA D 79 19.83 15.54 -9.42
N GLU D 80 18.80 14.82 -9.86
CA GLU D 80 18.69 13.39 -9.54
C GLU D 80 19.80 12.61 -10.22
N LEU D 81 19.97 12.85 -11.52
CA LEU D 81 21.06 12.25 -12.28
C LEU D 81 22.38 12.48 -11.57
N GLU D 82 22.45 13.58 -10.81
CA GLU D 82 23.65 13.90 -10.05
C GLU D 82 23.82 12.96 -8.87
N LYS D 83 22.77 12.83 -8.06
CA LYS D 83 22.79 11.93 -6.93
C LYS D 83 23.11 10.51 -7.40
N ILE D 84 22.95 10.28 -8.69
CA ILE D 84 23.26 8.98 -9.30
C ILE D 84 24.71 8.91 -9.73
N ARG D 85 25.12 9.87 -10.57
CA ARG D 85 26.51 9.93 -11.02
C ARG D 85 27.43 9.92 -9.81
N LYS D 86 26.95 10.48 -8.72
CA LYS D 86 27.68 10.53 -7.46
C LYS D 86 27.70 9.15 -6.80
N LEU D 87 26.55 8.48 -6.83
CA LEU D 87 26.42 7.16 -6.24
C LEU D 87 27.44 6.19 -6.83
N VAL D 88 27.22 5.80 -8.09
CA VAL D 88 28.11 4.87 -8.78
C VAL D 88 29.56 5.32 -8.67
N GLU D 89 29.76 6.63 -8.56
CA GLU D 89 31.09 7.19 -8.46
C GLU D 89 31.79 6.72 -7.19
N VAL D 90 31.14 6.94 -6.05
CA VAL D 90 31.67 6.50 -4.75
C VAL D 90 31.80 4.98 -4.70
N VAL D 91 31.13 4.31 -5.63
CA VAL D 91 31.14 2.85 -5.68
C VAL D 91 32.36 2.32 -6.44
N GLN D 92 33.19 3.23 -6.95
CA GLN D 92 34.38 2.84 -7.69
C GLN D 92 35.64 3.47 -7.10
N GLY G 1 12.83 -3.86 27.70
CA GLY G 1 11.56 -3.32 27.27
C GLY G 1 10.38 -3.93 28.00
N LYS G 2 9.20 -3.36 27.75
CA LYS G 2 7.98 -3.82 28.39
C LYS G 2 7.34 -4.96 27.62
N ILE G 3 6.44 -5.69 28.28
CA ILE G 3 5.70 -6.76 27.62
C ILE G 3 4.22 -6.38 27.61
N SER G 4 3.55 -6.64 26.50
CA SER G 4 2.13 -6.39 26.39
C SER G 4 1.59 -6.95 25.06
N THR G 5 1.35 -8.25 25.07
CA THR G 5 0.74 -8.93 23.94
C THR G 5 -0.62 -9.44 24.37
N ASP G 6 -1.57 -9.43 23.44
CA ASP G 6 -2.92 -9.93 23.71
C ASP G 6 -3.13 -11.27 23.00
N LYS G 7 -2.14 -11.69 22.24
CA LYS G 7 -2.24 -12.93 21.48
C LYS G 7 -1.01 -13.83 21.61
N TYR G 8 0.17 -13.28 21.36
CA TYR G 8 1.40 -14.06 21.38
C TYR G 8 1.96 -14.23 22.78
N ILE G 9 1.10 -14.60 23.72
CA ILE G 9 1.51 -14.87 25.08
C ILE G 9 2.34 -16.15 25.12
N PHE G 10 1.85 -17.17 24.41
CA PHE G 10 2.52 -18.46 24.34
C PHE G 10 3.10 -18.70 22.96
N LEU G 11 2.25 -18.53 21.94
CA LEU G 11 2.61 -18.87 20.57
C LEU G 11 3.14 -17.68 19.79
N THR G 12 4.14 -17.93 18.95
CA THR G 12 4.63 -16.92 18.03
C THR G 12 3.83 -17.02 16.75
N PRO G 13 3.63 -15.89 16.05
CA PRO G 13 2.88 -15.94 14.79
C PRO G 13 3.59 -16.83 13.78
N ARG G 14 4.92 -16.91 13.91
CA ARG G 14 5.73 -17.76 13.05
C ARG G 14 5.20 -19.19 13.06
N ALA G 15 4.65 -19.60 14.21
CA ALA G 15 4.11 -20.95 14.36
C ALA G 15 2.84 -21.16 13.55
N TYR G 16 1.81 -20.36 13.84
CA TYR G 16 0.55 -20.44 13.11
C TYR G 16 0.82 -20.53 11.62
N ILE G 17 1.77 -19.74 11.15
CA ILE G 17 2.15 -19.71 9.75
C ILE G 17 2.78 -21.03 9.33
N ILE G 18 3.72 -21.52 10.14
CA ILE G 18 4.43 -22.76 9.83
C ILE G 18 3.51 -23.98 9.85
N VAL G 19 2.58 -24.01 10.79
CA VAL G 19 1.64 -25.12 10.90
C VAL G 19 0.63 -25.10 9.75
N HIS G 20 0.18 -23.92 9.37
CA HIS G 20 -0.80 -23.77 8.30
C HIS G 20 -0.22 -24.24 6.97
N LEU G 21 1.10 -24.12 6.84
CA LEU G 21 1.78 -24.59 5.64
C LEU G 21 1.86 -26.11 5.60
N LEU G 22 1.94 -26.73 6.77
CA LEU G 22 1.88 -28.18 6.86
C LEU G 22 0.48 -28.67 6.52
N LYS G 23 -0.52 -27.90 6.96
CA LYS G 23 -1.91 -28.22 6.72
C LYS G 23 -2.26 -28.19 5.24
N VAL G 24 -1.86 -27.12 4.57
CA VAL G 24 -2.31 -26.87 3.20
C VAL G 24 -1.23 -27.16 2.15
N GLY G 25 0.03 -27.02 2.52
CA GLY G 25 1.13 -27.25 1.60
C GLY G 25 1.55 -26.00 0.87
N LYS G 26 0.59 -25.29 0.30
CA LYS G 26 0.85 -24.03 -0.39
C LYS G 26 -0.19 -22.99 -0.02
N ALA G 27 0.22 -21.72 -0.02
CA ALA G 27 -0.69 -20.62 0.30
C ALA G 27 -0.12 -19.26 -0.07
N LYS G 28 -0.99 -18.40 -0.58
CA LYS G 28 -0.60 -17.02 -0.87
C LYS G 28 -0.48 -16.25 0.43
N ALA G 29 0.26 -15.14 0.40
CA ALA G 29 0.44 -14.33 1.59
C ALA G 29 -0.91 -13.97 2.22
N SER G 30 -1.86 -13.58 1.37
CA SER G 30 -3.20 -13.22 1.83
C SER G 30 -3.92 -14.39 2.47
N GLU G 31 -3.57 -15.60 2.02
CA GLU G 31 -4.25 -16.81 2.48
C GLU G 31 -3.92 -17.14 3.93
N ILE G 32 -2.63 -17.16 4.24
CA ILE G 32 -2.18 -17.45 5.60
C ILE G 32 -2.73 -16.42 6.57
N SER G 33 -2.88 -15.19 6.10
CA SER G 33 -3.41 -14.11 6.92
C SER G 33 -4.90 -14.31 7.20
N GLU G 34 -5.65 -14.71 6.17
CA GLU G 34 -7.08 -14.93 6.28
C GLU G 34 -7.40 -16.16 7.11
N ASN G 35 -6.55 -17.18 7.04
CA ASN G 35 -6.81 -18.46 7.70
C ASN G 35 -6.23 -18.57 9.11
N THR G 36 -5.25 -17.74 9.43
CA THR G 36 -4.65 -17.76 10.76
C THR G 36 -4.98 -16.50 11.56
N GLN G 37 -5.56 -15.51 10.88
CA GLN G 37 -5.98 -14.27 11.51
C GLN G 37 -4.81 -13.36 11.90
N ILE G 38 -3.60 -13.75 11.50
CA ILE G 38 -2.43 -12.90 11.72
C ILE G 38 -2.37 -11.86 10.63
N PRO G 39 -2.22 -10.57 11.01
CA PRO G 39 -2.18 -9.50 10.02
C PRO G 39 -1.19 -9.77 8.88
N TYR G 40 -1.67 -9.68 7.64
CA TYR G 40 -0.85 -9.87 6.45
C TYR G 40 0.59 -9.38 6.63
N GLN G 41 0.75 -8.13 7.06
CA GLN G 41 2.06 -7.52 7.24
C GLN G 41 3.04 -8.44 7.97
N THR G 42 2.59 -9.04 9.06
CA THR G 42 3.46 -9.91 9.85
C THR G 42 3.67 -11.24 9.13
N VAL G 43 2.62 -11.73 8.49
CA VAL G 43 2.71 -12.95 7.68
C VAL G 43 3.86 -12.82 6.69
N ILE G 44 4.01 -11.62 6.14
CA ILE G 44 5.02 -11.35 5.14
C ILE G 44 6.43 -11.25 5.74
N GLN G 45 6.53 -10.65 6.92
CA GLN G 45 7.84 -10.47 7.55
C GLN G 45 8.41 -11.80 8.07
N ASN G 46 7.53 -12.77 8.26
CA ASN G 46 7.94 -14.08 8.76
C ASN G 46 8.26 -15.08 7.65
N ILE G 47 7.40 -15.13 6.63
CA ILE G 47 7.67 -15.92 5.44
C ILE G 47 9.02 -15.54 4.87
N ARG G 48 9.35 -14.25 4.97
CA ARG G 48 10.65 -13.74 4.52
C ARG G 48 11.79 -14.26 5.39
N TRP G 49 11.49 -14.45 6.68
CA TRP G 49 12.48 -15.01 7.59
C TRP G 49 12.70 -16.49 7.27
N LEU G 50 11.63 -17.15 6.85
CA LEU G 50 11.70 -18.55 6.48
C LEU G 50 12.50 -18.72 5.20
N LEU G 51 12.18 -17.92 4.20
CA LEU G 51 12.94 -17.91 2.95
C LEU G 51 14.41 -17.77 3.26
N ALA G 52 14.73 -16.87 4.18
CA ALA G 52 16.11 -16.57 4.55
C ALA G 52 16.87 -17.80 5.04
N GLU G 53 16.13 -18.83 5.44
CA GLU G 53 16.75 -20.02 6.02
C GLU G 53 16.26 -21.31 5.36
N GLY G 54 15.82 -21.20 4.11
CA GLY G 54 15.41 -22.36 3.35
C GLY G 54 14.35 -23.22 4.03
N TYR G 55 13.60 -22.62 4.94
CA TYR G 55 12.50 -23.32 5.60
C TYR G 55 11.27 -23.31 4.69
N VAL G 56 11.26 -22.36 3.76
CA VAL G 56 10.16 -22.22 2.81
C VAL G 56 10.71 -21.80 1.45
N VAL G 57 9.95 -22.08 0.38
CA VAL G 57 10.34 -21.68 -0.96
C VAL G 57 9.15 -21.10 -1.72
N LYS G 58 9.43 -20.50 -2.87
CA LYS G 58 8.39 -19.88 -3.68
C LYS G 58 7.93 -20.81 -4.79
N GLU G 59 6.62 -20.82 -5.02
CA GLU G 59 6.07 -21.50 -6.19
C GLU G 59 5.37 -20.49 -7.09
N GLN G 60 6.16 -19.73 -7.84
CA GLN G 60 5.63 -18.73 -8.76
C GLN G 60 4.67 -19.36 -9.76
N LYS G 61 3.40 -18.99 -9.65
CA LYS G 61 2.38 -19.46 -10.58
C LYS G 61 1.57 -18.29 -11.11
N GLY G 62 1.85 -17.89 -12.35
CA GLY G 62 1.24 -16.72 -12.91
C GLY G 62 1.67 -15.48 -12.16
N GLU G 63 0.71 -14.64 -11.80
CA GLU G 63 1.01 -13.42 -11.06
C GLU G 63 0.94 -13.58 -9.55
N GLU G 64 0.34 -14.68 -9.09
CA GLU G 64 0.22 -14.91 -7.65
C GLU G 64 1.29 -15.85 -7.13
N ILE G 65 1.80 -15.54 -5.93
CA ILE G 65 2.91 -16.29 -5.36
C ILE G 65 2.44 -17.30 -4.32
N TYR G 66 3.13 -18.42 -4.21
CA TYR G 66 2.81 -19.43 -3.23
C TYR G 66 4.03 -19.79 -2.39
N TYR G 67 3.78 -20.19 -1.14
CA TYR G 67 4.86 -20.55 -0.23
C TYR G 67 4.65 -21.95 0.34
N LYS G 68 5.73 -22.72 0.40
CA LYS G 68 5.65 -24.11 0.84
C LYS G 68 6.88 -24.53 1.63
N LEU G 69 6.70 -25.49 2.53
CA LEU G 69 7.81 -26.02 3.32
C LEU G 69 8.85 -26.72 2.44
N THR G 70 10.03 -26.96 2.98
CA THR G 70 11.10 -27.63 2.28
C THR G 70 11.62 -28.82 3.07
N ASP G 71 12.78 -29.32 2.67
CA ASP G 71 13.38 -30.47 3.33
C ASP G 71 13.73 -30.07 4.76
N LYS G 72 14.63 -29.10 4.88
CA LYS G 72 14.99 -28.57 6.18
C LYS G 72 13.77 -27.97 6.88
N GLY G 73 12.82 -27.47 6.10
CA GLY G 73 11.64 -26.81 6.65
C GLY G 73 10.73 -27.73 7.44
N LYS G 74 10.26 -28.79 6.81
CA LYS G 74 9.38 -29.76 7.45
C LYS G 74 10.13 -30.59 8.48
N GLN G 75 11.45 -30.69 8.29
CA GLN G 75 12.32 -31.39 9.24
C GLN G 75 12.29 -30.67 10.58
N LEU G 76 12.27 -29.35 10.55
CA LEU G 76 12.22 -28.53 11.76
C LEU G 76 10.79 -28.34 12.22
N ALA G 77 9.86 -28.29 11.26
CA ALA G 77 8.46 -28.03 11.55
C ALA G 77 7.81 -29.18 12.31
N THR G 78 8.56 -30.26 12.50
CA THR G 78 8.07 -31.44 13.20
C THR G 78 8.83 -31.69 14.50
N ALA G 79 10.16 -31.62 14.42
CA ALA G 79 11.01 -31.82 15.59
C ALA G 79 10.82 -30.70 16.61
N GLU G 80 10.16 -29.63 16.18
CA GLU G 80 9.88 -28.50 17.06
C GLU G 80 8.45 -28.54 17.59
N LEU G 81 7.65 -29.46 17.06
CA LEU G 81 6.34 -29.75 17.64
C LEU G 81 6.54 -30.82 18.70
N GLU G 82 7.63 -31.56 18.56
CA GLU G 82 8.04 -32.54 19.56
C GLU G 82 8.40 -31.81 20.86
N LYS G 83 8.79 -30.54 20.73
CA LYS G 83 9.10 -29.72 21.89
C LYS G 83 7.85 -29.28 22.61
N ILE G 84 6.70 -29.51 21.96
CA ILE G 84 5.42 -29.22 22.58
C ILE G 84 4.88 -30.46 23.29
N ARG G 85 5.40 -31.63 22.91
CA ARG G 85 5.01 -32.87 23.54
C ARG G 85 5.61 -32.97 24.95
N LYS G 86 6.93 -32.80 25.04
CA LYS G 86 7.62 -32.95 26.32
C LYS G 86 7.13 -31.93 27.34
N LEU G 87 6.40 -30.93 26.86
CA LEU G 87 5.85 -29.90 27.74
C LEU G 87 4.44 -30.27 28.21
N VAL G 88 3.54 -30.46 27.26
CA VAL G 88 2.17 -30.83 27.59
C VAL G 88 2.13 -32.24 28.20
N GLU G 89 3.27 -32.93 28.15
CA GLU G 89 3.38 -34.28 28.69
C GLU G 89 3.58 -34.29 30.20
N VAL G 90 4.55 -33.50 30.67
CA VAL G 90 4.87 -33.45 32.10
C VAL G 90 3.64 -33.11 32.93
N VAL G 91 2.65 -32.49 32.29
CA VAL G 91 1.40 -32.15 32.96
C VAL G 91 0.63 -33.41 33.33
N GLY H 1 5.81 -6.27 19.02
CA GLY H 1 6.97 -6.55 19.85
C GLY H 1 7.84 -7.64 19.28
N LYS H 2 8.96 -7.90 19.93
CA LYS H 2 9.92 -8.90 19.48
C LYS H 2 9.53 -10.28 20.01
N ILE H 3 8.62 -10.96 19.32
CA ILE H 3 8.13 -12.26 19.77
C ILE H 3 8.85 -13.43 19.10
N SER H 4 8.95 -13.39 17.77
CA SER H 4 9.57 -14.47 17.01
C SER H 4 11.02 -14.16 16.69
N THR H 5 11.92 -15.04 17.09
CA THR H 5 13.35 -14.87 16.81
C THR H 5 14.00 -16.18 16.37
N ASP H 6 15.32 -16.18 16.24
CA ASP H 6 16.06 -17.38 15.91
C ASP H 6 15.75 -18.49 16.90
N LYS H 7 15.59 -18.10 18.16
CA LYS H 7 15.32 -19.03 19.24
C LYS H 7 13.84 -19.42 19.27
N TYR H 8 12.99 -18.42 19.45
CA TYR H 8 11.56 -18.64 19.63
C TYR H 8 10.81 -18.78 18.31
N ILE H 9 11.09 -19.86 17.59
CA ILE H 9 10.44 -20.13 16.32
C ILE H 9 8.98 -20.47 16.52
N PHE H 10 8.70 -21.29 17.53
CA PHE H 10 7.33 -21.73 17.80
C PHE H 10 6.72 -21.12 19.07
N LEU H 11 7.48 -21.12 20.16
CA LEU H 11 6.93 -20.68 21.43
C LEU H 11 7.72 -19.55 22.08
N THR H 12 6.98 -18.58 22.62
CA THR H 12 7.55 -17.48 23.36
C THR H 12 8.26 -17.99 24.61
N PRO H 13 9.19 -17.20 25.15
CA PRO H 13 9.79 -17.58 26.43
C PRO H 13 8.70 -17.68 27.48
N ARG H 14 7.65 -16.88 27.32
CA ARG H 14 6.53 -16.84 28.24
C ARG H 14 5.86 -18.21 28.37
N ALA H 15 5.95 -19.01 27.31
CA ALA H 15 5.36 -20.34 27.31
C ALA H 15 6.21 -21.33 28.07
N TYR H 16 7.52 -21.27 27.84
CA TYR H 16 8.48 -22.11 28.55
C TYR H 16 8.49 -21.77 30.03
N ILE H 17 8.21 -20.51 30.34
CA ILE H 17 8.22 -20.04 31.72
C ILE H 17 7.04 -20.58 32.53
N ILE H 18 5.84 -20.12 32.20
CA ILE H 18 4.64 -20.51 32.93
C ILE H 18 4.52 -22.02 33.07
N VAL H 19 4.88 -22.74 32.01
CA VAL H 19 4.83 -24.20 32.03
C VAL H 19 5.81 -24.78 33.05
N HIS H 20 7.03 -24.24 33.07
CA HIS H 20 8.01 -24.67 34.06
C HIS H 20 7.66 -24.08 35.42
N LEU H 21 6.50 -23.44 35.49
CA LEU H 21 5.99 -22.89 36.73
C LEU H 21 4.70 -23.61 37.10
N LEU H 22 4.39 -24.66 36.36
CA LEU H 22 3.27 -25.54 36.67
C LEU H 22 3.79 -26.93 36.96
N LYS H 23 5.07 -27.15 36.68
CA LYS H 23 5.71 -28.43 36.93
C LYS H 23 6.56 -28.36 38.19
N VAL H 24 6.66 -27.16 38.78
CA VAL H 24 7.46 -26.98 39.99
C VAL H 24 6.76 -26.04 40.99
N GLY H 25 5.70 -25.38 40.55
CA GLY H 25 4.88 -24.57 41.45
C GLY H 25 5.34 -23.13 41.62
N LYS H 26 6.58 -22.96 42.09
CA LYS H 26 7.14 -21.63 42.30
C LYS H 26 8.67 -21.67 42.39
N ALA H 27 9.32 -20.56 42.04
CA ALA H 27 10.77 -20.48 42.04
C ALA H 27 11.29 -19.07 41.75
N LYS H 28 12.61 -18.90 41.82
CA LYS H 28 13.25 -17.61 41.57
C LYS H 28 13.90 -17.52 40.19
N ALA H 29 14.71 -16.48 40.00
CA ALA H 29 15.31 -16.18 38.70
C ALA H 29 16.41 -17.17 38.31
N SER H 30 17.44 -17.25 39.15
CA SER H 30 18.57 -18.13 38.91
C SER H 30 18.13 -19.56 38.56
N GLU H 31 16.90 -19.87 38.90
CA GLU H 31 16.35 -21.21 38.66
C GLU H 31 15.63 -21.31 37.32
N ILE H 32 14.63 -20.45 37.12
CA ILE H 32 13.82 -20.51 35.89
C ILE H 32 14.68 -20.37 34.64
N SER H 33 15.77 -19.61 34.74
CA SER H 33 16.68 -19.47 33.62
C SER H 33 17.51 -20.73 33.44
N GLU H 34 18.09 -21.22 34.54
CA GLU H 34 18.88 -22.44 34.52
C GLU H 34 18.11 -23.61 33.91
N ASN H 35 16.80 -23.59 34.06
CA ASN H 35 15.95 -24.68 33.58
C ASN H 35 15.45 -24.53 32.14
N THR H 36 14.73 -23.46 31.86
CA THR H 36 14.15 -23.28 30.53
C THR H 36 15.18 -22.77 29.52
N GLN H 37 16.41 -22.57 29.98
CA GLN H 37 17.51 -22.15 29.13
C GLN H 37 17.41 -20.68 28.72
N ILE H 38 16.19 -20.14 28.75
CA ILE H 38 15.97 -18.73 28.47
C ILE H 38 16.89 -17.88 29.35
N PRO H 39 17.89 -17.23 28.73
CA PRO H 39 18.85 -16.45 29.50
C PRO H 39 18.15 -15.48 30.45
N TYR H 40 18.52 -15.53 31.73
CA TYR H 40 17.90 -14.72 32.78
C TYR H 40 17.21 -13.46 32.28
N GLN H 41 17.98 -12.54 31.71
CA GLN H 41 17.49 -11.19 31.40
C GLN H 41 16.14 -11.11 30.67
N THR H 42 15.70 -12.23 30.10
CA THR H 42 14.40 -12.27 29.44
C THR H 42 13.33 -12.78 30.41
N VAL H 43 13.72 -13.75 31.23
CA VAL H 43 12.82 -14.35 32.21
C VAL H 43 12.18 -13.30 33.11
N ILE H 44 12.98 -12.38 33.61
CA ILE H 44 12.52 -11.41 34.60
C ILE H 44 11.57 -10.35 34.04
N GLN H 45 11.90 -9.78 32.88
CA GLN H 45 11.06 -8.74 32.31
C GLN H 45 9.70 -9.30 31.91
N ASN H 46 9.64 -10.59 31.67
CA ASN H 46 8.36 -11.27 31.43
C ASN H 46 7.63 -11.53 32.73
N ILE H 47 8.38 -11.86 33.77
CA ILE H 47 7.82 -12.01 35.10
C ILE H 47 7.31 -10.65 35.57
N ARG H 48 7.98 -9.60 35.12
CA ARG H 48 7.55 -8.24 35.44
C ARG H 48 6.21 -7.97 34.78
N TRP H 49 5.92 -8.70 33.71
CA TRP H 49 4.66 -8.56 33.01
C TRP H 49 3.61 -9.50 33.60
N LEU H 50 4.06 -10.68 34.01
CA LEU H 50 3.18 -11.65 34.63
C LEU H 50 2.55 -11.07 35.89
N LEU H 51 3.32 -10.25 36.59
CA LEU H 51 2.80 -9.54 37.76
C LEU H 51 1.75 -8.51 37.36
N ALA H 52 2.09 -7.69 36.38
CA ALA H 52 1.27 -6.55 35.98
C ALA H 52 -0.14 -6.94 35.53
N GLU H 53 -0.32 -8.20 35.15
CA GLU H 53 -1.62 -8.66 34.65
C GLU H 53 -2.29 -9.60 35.65
N GLY H 54 -1.68 -9.77 36.81
CA GLY H 54 -2.21 -10.65 37.84
C GLY H 54 -2.06 -12.12 37.45
N TYR H 55 -0.89 -12.48 36.95
CA TYR H 55 -0.62 -13.85 36.54
C TYR H 55 0.34 -14.55 37.50
N VAL H 56 1.15 -13.77 38.21
CA VAL H 56 2.08 -14.32 39.20
C VAL H 56 2.21 -13.39 40.41
N VAL H 57 2.78 -13.90 41.48
CA VAL H 57 3.05 -13.11 42.68
C VAL H 57 4.36 -13.51 43.34
N LYS H 58 4.70 -12.83 44.43
CA LYS H 58 5.97 -13.05 45.11
C LYS H 58 5.79 -13.88 46.39
N GLU H 59 6.86 -14.53 46.83
CA GLU H 59 6.82 -15.35 48.04
C GLU H 59 8.19 -15.43 48.70
N GLN H 60 8.20 -15.47 50.03
CA GLN H 60 9.45 -15.47 50.79
C GLN H 60 10.01 -16.86 51.04
N LYS H 61 11.33 -16.93 51.16
CA LYS H 61 12.04 -18.14 51.55
C LYS H 61 13.24 -17.67 52.37
N GLY H 62 13.07 -16.51 52.99
CA GLY H 62 14.15 -15.85 53.69
C GLY H 62 14.70 -14.73 52.82
N GLU H 63 15.83 -14.97 52.18
CA GLU H 63 16.43 -14.00 51.28
C GLU H 63 16.13 -14.32 49.82
N GLU H 64 15.84 -15.59 49.55
CA GLU H 64 15.47 -16.03 48.21
C GLU H 64 14.02 -15.66 47.93
N ILE H 65 13.78 -15.06 46.78
CA ILE H 65 12.43 -14.65 46.40
C ILE H 65 11.84 -15.64 45.40
N TYR H 66 10.62 -16.09 45.66
CA TYR H 66 9.97 -17.06 44.80
C TYR H 66 8.74 -16.46 44.12
N TYR H 67 8.53 -16.82 42.86
CA TYR H 67 7.36 -16.37 42.12
C TYR H 67 6.40 -17.53 41.93
N LYS H 68 5.11 -17.27 42.04
CA LYS H 68 4.10 -18.31 41.88
C LYS H 68 2.92 -17.84 41.04
N LEU H 69 2.33 -18.78 40.30
CA LEU H 69 1.18 -18.47 39.44
C LEU H 69 -0.06 -18.22 40.28
N THR H 70 -0.75 -17.13 39.99
CA THR H 70 -2.04 -16.85 40.64
C THR H 70 -3.15 -17.61 39.91
N ASP H 71 -4.38 -17.42 40.33
CA ASP H 71 -5.50 -18.09 39.68
C ASP H 71 -5.82 -17.46 38.34
N LYS H 72 -5.82 -16.13 38.28
CA LYS H 72 -6.04 -15.42 37.04
C LYS H 72 -4.98 -15.83 36.01
N GLY H 73 -3.92 -16.45 36.50
CA GLY H 73 -2.87 -16.97 35.64
C GLY H 73 -3.11 -18.42 35.28
N LYS H 74 -3.74 -19.16 36.19
CA LYS H 74 -4.04 -20.57 35.96
C LYS H 74 -5.07 -20.76 34.86
N GLN H 75 -5.99 -19.80 34.74
CA GLN H 75 -6.99 -19.82 33.68
C GLN H 75 -6.44 -19.26 32.38
N LEU H 76 -5.23 -18.70 32.43
CA LEU H 76 -4.56 -18.20 31.24
C LEU H 76 -3.47 -19.17 30.81
N ALA H 77 -3.02 -19.99 31.74
CA ALA H 77 -1.98 -20.98 31.47
C ALA H 77 -2.58 -22.24 30.85
N THR H 78 -3.88 -22.44 31.06
CA THR H 78 -4.56 -23.60 30.51
C THR H 78 -5.47 -23.21 29.35
N ALA H 79 -5.64 -21.91 29.16
CA ALA H 79 -6.38 -21.39 28.02
C ALA H 79 -5.43 -21.16 26.85
N GLU H 80 -4.16 -20.95 27.19
CA GLU H 80 -3.12 -20.78 26.17
C GLU H 80 -2.56 -22.14 25.74
N LEU H 81 -2.57 -23.10 26.65
CA LEU H 81 -2.19 -24.46 26.32
C LEU H 81 -3.31 -25.05 25.49
N GLU H 82 -4.51 -24.49 25.63
CA GLU H 82 -5.65 -24.92 24.86
C GLU H 82 -5.61 -24.32 23.45
N LYS H 83 -4.88 -23.22 23.30
CA LYS H 83 -4.63 -22.66 21.99
C LYS H 83 -3.53 -23.46 21.30
N ILE H 84 -2.78 -24.21 22.10
CA ILE H 84 -1.73 -25.08 21.60
C ILE H 84 -2.31 -26.40 21.11
N ARG H 85 -3.05 -27.08 21.98
CA ARG H 85 -3.70 -28.33 21.63
C ARG H 85 -4.65 -28.14 20.44
N LYS H 86 -5.43 -27.06 20.49
CA LYS H 86 -6.39 -26.77 19.44
C LYS H 86 -5.71 -26.33 18.14
N LEU H 87 -4.38 -26.49 18.09
CA LEU H 87 -3.63 -26.09 16.91
C LEU H 87 -2.70 -27.20 16.41
N VAL H 88 -1.95 -27.80 17.32
CA VAL H 88 -1.04 -28.89 16.95
C VAL H 88 -1.82 -30.11 16.49
N GLU H 89 -3.14 -30.02 16.51
CA GLU H 89 -3.99 -31.13 16.11
C GLU H 89 -4.34 -31.08 14.63
N VAL H 90 -4.41 -29.88 14.09
CA VAL H 90 -4.64 -29.68 12.66
C VAL H 90 -3.59 -30.43 11.86
N VAL H 91 -2.55 -30.86 12.56
CA VAL H 91 -1.35 -31.36 11.91
C VAL H 91 -1.49 -32.76 11.35
N GLN H 92 -2.23 -33.61 12.05
CA GLN H 92 -2.30 -35.02 11.69
C GLN H 92 -2.69 -35.22 10.21
P PO4 I . -19.23 21.95 -21.32
O1 PO4 I . -20.69 21.81 -20.96
O2 PO4 I . -18.90 21.02 -22.47
O3 PO4 I . -18.38 21.59 -20.13
O4 PO4 I . -18.94 23.37 -21.73
P PO4 J . 31.09 -8.81 -10.23
O1 PO4 J . 29.78 -9.48 -10.59
O2 PO4 J . 31.25 -8.79 -8.73
O3 PO4 J . 32.23 -9.57 -10.85
O4 PO4 J . 31.10 -7.39 -10.76
P PO4 K . 18.25 10.48 0.31
O1 PO4 K . 17.33 10.39 -0.88
O2 PO4 K . 18.16 9.21 1.12
O3 PO4 K . 19.67 10.67 -0.16
O4 PO4 K . 17.85 11.66 1.17
P PO4 L . 10.85 -16.15 -8.85
O1 PO4 L . 10.24 -15.59 -10.12
O2 PO4 L . 10.12 -15.57 -7.66
O3 PO4 L . 10.71 -17.65 -8.85
O4 PO4 L . 12.31 -15.77 -8.79
P PO4 M . 18.77 -18.73 0.61
O1 PO4 M . 18.27 -17.69 -0.36
O2 PO4 M . 18.13 -18.50 1.97
O3 PO4 M . 18.39 -20.11 0.11
O4 PO4 M . 20.27 -18.64 0.75
P PO4 N . -7.62 -11.72 20.67
O1 PO4 N . -9.01 -11.43 20.17
O2 PO4 N . -7.69 -12.25 22.09
O3 PO4 N . -6.97 -12.76 19.78
O4 PO4 N . -6.80 -10.46 20.64
P PO4 O . 0.36 -9.11 41.20
O1 PO4 O . -0.27 -7.81 40.74
O2 PO4 O . -0.59 -9.83 42.12
O3 PO4 O . 0.65 -9.97 39.99
O4 PO4 O . 1.65 -8.82 41.93
P PO4 P . 21.29 -19.88 13.25
O1 PO4 P . 19.88 -19.46 12.92
O2 PO4 P . 21.51 -19.81 14.74
O3 PO4 P . 21.51 -21.29 12.78
O4 PO4 P . 22.27 -18.96 12.54
P PO4 Q . -4.36 -15.34 17.15
O1 PO4 Q . -5.02 -16.38 16.27
O2 PO4 Q . -4.36 -15.81 18.58
O3 PO4 Q . -2.93 -15.14 16.69
O4 PO4 Q . -5.11 -14.04 17.03
#